data_3O1R
#
_entry.id   3O1R
#
_cell.length_a   41.465
_cell.length_b   75.830
_cell.length_c   51.976
_cell.angle_alpha   90.00
_cell.angle_beta   108.24
_cell.angle_gamma   90.00
#
_symmetry.space_group_name_H-M   'P 1 21 1'
#
loop_
_entity.id
_entity.type
_entity.pdbx_description
1 polymer 'Alpha-ketoglutarate-dependent dioxygenase AlkB'
2 polymer "DNA (5'-D(*AP*GP*GP*TP*AP*AP*(MDK)P*AP*CP*CP*GP*T)-3')"
3 polymer "DNA (5'-D(*AP*AP*CP*GP*GP*TP*AP*TP*TP*AP*CP*CP*T)-3')"
4 non-polymer 'MANGANESE (II) ION'
5 non-polymer '2-OXOGLUTARIC ACID'
6 non-polymer GLYCEROL
7 water water
#
loop_
_entity_poly.entity_id
_entity_poly.type
_entity_poly.pdbx_seq_one_letter_code
_entity_poly.pdbx_strand_id
1 'polypeptide(L)'
;MQEPLAAGAVILRRFAFNAAEQLIRDINDVASQSPFRQMVTPGGYTMSVAMTNCGHLGWTTHRQGYLYSPIDPQTNKPWP
AMPQSFHNLCQRAATAAGYPDFQPDACLINRYAPGAKLCLHQDKDEPDLRAPIVSVSLGLPAIFQFGGLKRNDPLKRLLL
EHGDVVVWGGESRLFYHGIQPLKAGFHPLTIDCRYNLTFRQAGKKE
;
A
2 'polydeoxyribonucleotide' (DA)(DG)(DG)(DT)(DA)(DA)(MDK)(DA)(2YR)(DC)(DG)(DT) B
3 'polydeoxyribonucleotide' (DA)(DA)(DC)(DG)(DG)(DT)(DA)(DT)(DT)(DA)(DC)(DC)(DT) C
#
loop_
_chem_comp.id
_chem_comp.type
_chem_comp.name
_chem_comp.formula
2YR non-polymer '2'-deoxy-N-(2-sulfanylethyl)cytidine 5'-(dihydrogen phosphate)' 'C11 H18 N3 O7 P S'
AKG non-polymer '2-OXOGLUTARIC ACID' 'C5 H6 O5'
DA DNA linking 2'-DEOXYADENOSINE-5'-MONOPHOSPHATE 'C10 H14 N5 O6 P'
DC DNA linking 2'-DEOXYCYTIDINE-5'-MONOPHOSPHATE 'C9 H14 N3 O7 P'
DG DNA linking 2'-DEOXYGUANOSINE-5'-MONOPHOSPHATE 'C10 H14 N5 O7 P'
DT DNA linking THYMIDINE-5'-MONOPHOSPHATE 'C10 H15 N2 O8 P'
GOL non-polymer GLYCEROL 'C3 H8 O3'
MDK DNA linking 4-amino-1-(2-deoxy-5-O-phosphono-beta-D-erythro-pentofuranosyl)-3-methylpyridin-2(1H)-one 'C11 H17 N2 O7 P'
MN non-polymer 'MANGANESE (II) ION' 'Mn 2'
#
# COMPACT_ATOMS: atom_id res chain seq x y z
N GLU A 3 22.46 3.85 -7.73
CA GLU A 3 21.76 4.73 -6.79
C GLU A 3 20.25 4.54 -6.87
N PRO A 4 19.78 4.09 -8.04
CA PRO A 4 18.33 3.86 -8.24
C PRO A 4 17.89 2.72 -7.32
N LEU A 5 16.64 2.71 -6.85
CA LEU A 5 16.23 1.65 -5.94
C LEU A 5 16.52 0.23 -6.45
N ALA A 6 16.06 -0.10 -7.65
CA ALA A 6 16.33 -1.42 -8.27
C ALA A 6 15.94 -1.34 -9.74
N ALA A 7 16.22 -2.38 -10.53
CA ALA A 7 15.74 -2.38 -11.91
C ALA A 7 14.21 -2.25 -11.91
N GLY A 8 13.69 -1.18 -12.52
CA GLY A 8 12.24 -0.95 -12.58
C GLY A 8 11.66 -0.33 -11.33
N ALA A 9 12.52 0.03 -10.37
CA ALA A 9 12.03 0.51 -9.09
C ALA A 9 12.58 1.91 -8.74
N VAL A 10 11.75 2.78 -8.17
CA VAL A 10 12.23 4.11 -7.84
C VAL A 10 11.59 4.63 -6.55
N ILE A 11 12.33 5.46 -5.83
CA ILE A 11 11.71 6.25 -4.77
C ILE A 11 11.64 7.73 -5.16
N LEU A 12 10.46 8.31 -4.97
CA LEU A 12 10.17 9.70 -5.27
C LEU A 12 9.96 10.39 -3.92
N ARG A 13 11.04 10.95 -3.37
CA ARG A 13 10.95 11.44 -2.01
C ARG A 13 10.10 12.68 -1.96
N ARG A 14 9.18 12.68 -1.01
CA ARG A 14 8.24 13.77 -0.78
C ARG A 14 7.34 14.06 -1.98
N PHE A 15 7.22 13.12 -2.91
CA PHE A 15 6.38 13.34 -4.08
C PHE A 15 4.94 13.76 -3.73
N ALA A 16 4.38 13.12 -2.70
CA ALA A 16 2.98 13.31 -2.28
C ALA A 16 2.85 14.32 -1.14
N PHE A 17 3.93 15.02 -0.81
CA PHE A 17 3.89 15.97 0.31
C PHE A 17 2.80 17.02 0.12
N ASN A 18 2.74 17.63 -1.06
CA ASN A 18 1.76 18.68 -1.26
C ASN A 18 0.34 18.15 -1.28
N ALA A 19 0.15 16.92 -1.75
CA ALA A 19 -1.21 16.33 -1.82
C ALA A 19 -1.69 15.68 -0.52
N ALA A 20 -0.81 15.62 0.49
CA ALA A 20 -1.05 14.74 1.64
C ALA A 20 -2.27 15.13 2.49
N GLU A 21 -2.51 16.42 2.72
CA GLU A 21 -3.68 16.78 3.54
C GLU A 21 -5.00 16.32 2.92
N GLN A 22 -5.14 16.52 1.62
CA GLN A 22 -6.34 16.03 0.94
C GLN A 22 -6.38 14.48 0.92
N LEU A 23 -5.23 13.86 0.72
CA LEU A 23 -5.17 12.40 0.77
C LEU A 23 -5.69 11.89 2.10
N ILE A 24 -5.34 12.60 3.17
CA ILE A 24 -5.72 12.14 4.49
C ILE A 24 -7.21 12.37 4.76
N ARG A 25 -7.75 13.49 4.31
CA ARG A 25 -9.21 13.71 4.37
C ARG A 25 -9.94 12.57 3.66
N ASP A 26 -9.43 12.17 2.50
CA ASP A 26 -10.08 11.10 1.74
C ASP A 26 -9.88 9.70 2.34
N ILE A 27 -8.76 9.49 3.02
CA ILE A 27 -8.63 8.24 3.79
C ILE A 27 -9.76 8.19 4.85
N ASN A 28 -9.98 9.31 5.54
CA ASN A 28 -11.00 9.36 6.61
C ASN A 28 -12.40 9.09 6.03
N ASP A 29 -12.63 9.59 4.81
CA ASP A 29 -13.89 9.35 4.12
C ASP A 29 -14.04 7.88 3.72
N VAL A 30 -12.98 7.28 3.17
CA VAL A 30 -13.03 5.87 2.81
C VAL A 30 -13.34 5.03 4.06
N ALA A 31 -12.59 5.26 5.13
CA ALA A 31 -12.74 4.49 6.36
C ALA A 31 -14.10 4.72 7.06
N SER A 32 -14.75 5.84 6.77
CA SER A 32 -16.07 6.09 7.35
C SER A 32 -17.10 5.12 6.77
N GLN A 33 -16.78 4.53 5.63
CA GLN A 33 -17.69 3.61 4.94
C GLN A 33 -17.24 2.15 5.08
N SER A 34 -15.93 1.90 4.84
CA SER A 34 -15.29 0.60 5.10
C SER A 34 -14.20 0.84 6.16
N PRO A 35 -14.55 0.62 7.43
CA PRO A 35 -13.65 0.92 8.55
C PRO A 35 -12.35 0.14 8.48
N PHE A 36 -11.29 0.68 9.07
CA PHE A 36 -10.07 -0.08 9.23
C PHE A 36 -10.36 -1.32 10.05
N ARG A 37 -9.73 -2.43 9.70
CA ARG A 37 -9.85 -3.60 10.53
C ARG A 37 -8.54 -4.38 10.39
N GLN A 38 -8.18 -5.08 11.45
CA GLN A 38 -7.00 -5.95 11.38
C GLN A 38 -7.44 -7.31 10.91
N MET A 39 -6.96 -7.69 9.74
CA MET A 39 -7.36 -8.98 9.15
C MET A 39 -6.65 -10.15 9.80
N VAL A 40 -7.24 -11.35 9.68
CA VAL A 40 -6.70 -12.56 10.29
C VAL A 40 -6.14 -13.37 9.13
N THR A 41 -4.91 -13.83 9.29
CA THR A 41 -4.30 -14.66 8.27
C THR A 41 -5.02 -16.01 8.14
N PRO A 42 -4.80 -16.72 7.02
CA PRO A 42 -5.29 -18.08 6.90
C PRO A 42 -4.88 -18.97 8.08
N GLY A 43 -3.67 -18.77 8.60
CA GLY A 43 -3.17 -19.54 9.75
C GLY A 43 -3.72 -19.10 11.10
N GLY A 44 -4.47 -18.01 11.13
CA GLY A 44 -5.22 -17.66 12.33
C GLY A 44 -4.60 -16.55 13.18
N TYR A 45 -3.59 -15.85 12.65
CA TYR A 45 -2.97 -14.73 13.41
C TYR A 45 -3.51 -13.38 12.98
N THR A 46 -3.79 -12.48 13.90
CA THR A 46 -4.28 -11.16 13.54
C THR A 46 -3.14 -10.23 13.17
N MET A 47 -3.24 -9.59 12.02
CA MET A 47 -2.19 -8.69 11.55
C MET A 47 -2.06 -7.48 12.44
N SER A 48 -0.85 -6.92 12.56
CA SER A 48 -0.72 -5.71 13.42
C SER A 48 -1.20 -4.43 12.71
N VAL A 49 -1.15 -4.44 11.38
CA VAL A 49 -1.52 -3.34 10.52
C VAL A 49 -3.04 -3.40 10.44
N ALA A 50 -3.73 -2.27 10.57
CA ALA A 50 -5.17 -2.25 10.29
C ALA A 50 -5.36 -1.80 8.83
N MET A 51 -6.36 -2.34 8.15
CA MET A 51 -6.47 -2.09 6.70
C MET A 51 -7.90 -1.81 6.26
N THR A 52 -8.00 -1.17 5.11
CA THR A 52 -9.25 -1.10 4.37
C THR A 52 -8.87 -0.89 2.91
N ASN A 53 -9.85 -0.76 2.02
CA ASN A 53 -9.55 -0.67 0.60
C ASN A 53 -10.52 0.31 -0.04
N CYS A 54 -10.14 0.88 -1.18
CA CYS A 54 -11.08 1.59 -2.01
C CYS A 54 -10.81 1.19 -3.45
N GLY A 55 -11.73 1.54 -4.34
CA GLY A 55 -11.59 1.10 -5.72
C GLY A 55 -12.49 -0.09 -6.01
N HIS A 56 -12.37 -0.63 -7.22
N HIS A 56 -12.39 -0.59 -7.23
CA HIS A 56 -13.25 -1.72 -7.64
CA HIS A 56 -13.22 -1.71 -7.65
C HIS A 56 -12.92 -3.05 -6.98
C HIS A 56 -12.95 -2.94 -6.80
N LEU A 57 -11.68 -3.22 -6.54
CA LEU A 57 -11.24 -4.46 -5.87
C LEU A 57 -10.42 -4.16 -4.62
N GLY A 58 -10.61 -5.01 -3.60
CA GLY A 58 -9.95 -4.82 -2.32
C GLY A 58 -9.21 -6.08 -1.90
N TRP A 59 -7.99 -5.93 -1.39
CA TRP A 59 -7.26 -7.11 -0.90
C TRP A 59 -7.82 -7.58 0.45
N THR A 60 -8.03 -8.88 0.60
CA THR A 60 -8.55 -9.47 1.84
CA THR A 60 -8.40 -9.39 1.91
C THR A 60 -7.89 -10.81 2.11
N THR A 61 -7.97 -11.28 3.35
CA THR A 61 -7.60 -12.63 3.62
C THR A 61 -8.91 -13.36 3.82
N HIS A 62 -8.86 -14.66 3.75
CA HIS A 62 -9.91 -15.42 4.37
C HIS A 62 -9.28 -16.75 4.75
N ARG A 63 -10.08 -17.72 5.19
CA ARG A 63 -9.52 -18.98 5.66
C ARG A 63 -8.68 -19.63 4.58
N GLN A 64 -9.10 -19.49 3.33
CA GLN A 64 -8.50 -20.23 2.23
C GLN A 64 -7.28 -19.56 1.58
N GLY A 65 -6.93 -18.35 2.03
CA GLY A 65 -5.81 -17.66 1.38
C GLY A 65 -6.04 -16.18 1.27
N TYR A 66 -5.37 -15.56 0.29
CA TYR A 66 -5.51 -14.15 0.03
C TYR A 66 -6.38 -14.03 -1.21
N LEU A 67 -7.15 -12.95 -1.31
CA LEU A 67 -8.12 -12.82 -2.40
C LEU A 67 -8.44 -11.36 -2.65
N TYR A 68 -8.59 -10.97 -3.90
CA TYR A 68 -9.18 -9.69 -4.20
C TYR A 68 -10.69 -9.87 -4.33
N SER A 69 -11.45 -8.97 -3.71
N SER A 69 -11.45 -8.99 -3.69
CA SER A 69 -12.91 -9.04 -3.81
CA SER A 69 -12.91 -9.04 -3.81
C SER A 69 -13.51 -7.67 -4.10
C SER A 69 -13.52 -7.67 -4.08
N PRO A 70 -14.62 -7.63 -4.85
CA PRO A 70 -15.27 -6.33 -5.07
C PRO A 70 -16.13 -5.93 -3.87
N ILE A 71 -16.30 -6.85 -2.91
CA ILE A 71 -17.16 -6.60 -1.75
C ILE A 71 -16.37 -6.62 -0.43
N ASP A 72 -16.63 -5.66 0.44
CA ASP A 72 -16.01 -5.64 1.76
C ASP A 72 -16.71 -6.71 2.61
N PRO A 73 -15.98 -7.74 3.04
CA PRO A 73 -16.66 -8.82 3.78
C PRO A 73 -17.16 -8.40 5.15
N GLN A 74 -16.73 -7.25 5.62
CA GLN A 74 -17.17 -6.78 6.89
C GLN A 74 -18.52 -6.06 6.80
N THR A 75 -18.70 -5.28 5.73
CA THR A 75 -19.93 -4.50 5.58
C THR A 75 -20.90 -5.20 4.62
N ASN A 76 -20.37 -6.13 3.80
CA ASN A 76 -21.10 -6.74 2.67
C ASN A 76 -21.56 -5.77 1.58
N LYS A 77 -20.87 -4.64 1.50
CA LYS A 77 -21.13 -3.63 0.47
C LYS A 77 -19.85 -3.46 -0.29
N PRO A 78 -19.93 -2.93 -1.52
CA PRO A 78 -18.73 -2.63 -2.29
C PRO A 78 -17.79 -1.73 -1.48
N TRP A 79 -16.50 -1.88 -1.72
CA TRP A 79 -15.55 -0.92 -1.15
C TRP A 79 -15.93 0.49 -1.63
N PRO A 80 -15.57 1.53 -0.87
CA PRO A 80 -15.82 2.89 -1.37
C PRO A 80 -15.09 3.11 -2.69
N ALA A 81 -15.65 3.94 -3.56
CA ALA A 81 -15.00 4.31 -4.82
C ALA A 81 -13.61 4.89 -4.56
N MET A 82 -12.67 4.69 -5.46
CA MET A 82 -11.37 5.32 -5.30
C MET A 82 -11.49 6.87 -5.38
N PRO A 83 -11.06 7.60 -4.34
CA PRO A 83 -11.16 9.08 -4.45
C PRO A 83 -10.33 9.62 -5.63
N GLN A 84 -10.84 10.65 -6.30
CA GLN A 84 -10.08 11.26 -7.38
C GLN A 84 -8.69 11.76 -6.91
N SER A 85 -8.58 12.19 -5.66
CA SER A 85 -7.26 12.64 -5.14
C SER A 85 -6.23 11.49 -5.20
N PHE A 86 -6.68 10.29 -4.84
CA PHE A 86 -5.82 9.10 -4.84
C PHE A 86 -5.47 8.80 -6.28
N HIS A 87 -6.49 8.77 -7.13
CA HIS A 87 -6.26 8.37 -8.51
C HIS A 87 -5.31 9.35 -9.19
N ASN A 88 -5.50 10.65 -8.95
CA ASN A 88 -4.67 11.67 -9.64
C ASN A 88 -3.21 11.60 -9.15
N LEU A 89 -3.03 11.47 -7.83
CA LEU A 89 -1.67 11.35 -7.29
C LEU A 89 -0.97 10.10 -7.84
N CYS A 90 -1.68 8.98 -7.84
CA CYS A 90 -1.14 7.72 -8.37
C CYS A 90 -0.62 7.85 -9.82
N GLN A 91 -1.44 8.47 -10.65
CA GLN A 91 -1.15 8.58 -12.07
C GLN A 91 0.10 9.47 -12.26
N ARG A 92 0.18 10.54 -11.48
CA ARG A 92 1.35 11.42 -11.58
C ARG A 92 2.62 10.71 -11.12
N ALA A 93 2.53 9.92 -10.06
CA ALA A 93 3.71 9.27 -9.51
C ALA A 93 4.17 8.17 -10.46
N ALA A 94 3.21 7.41 -10.96
CA ALA A 94 3.48 6.34 -11.91
C ALA A 94 4.20 6.87 -13.15
N THR A 95 3.70 8.00 -13.66
CA THR A 95 4.28 8.66 -14.82
C THR A 95 5.72 9.10 -14.54
N ALA A 96 5.93 9.68 -13.37
CA ALA A 96 7.25 10.18 -12.99
C ALA A 96 8.20 9.03 -12.81
N ALA A 97 7.68 7.88 -12.40
CA ALA A 97 8.50 6.67 -12.20
C ALA A 97 8.73 5.87 -13.48
N GLY A 98 8.13 6.30 -14.58
CA GLY A 98 8.33 5.61 -15.84
C GLY A 98 7.27 4.59 -16.20
N TYR A 99 6.10 4.69 -15.57
CA TYR A 99 5.00 3.77 -15.83
C TYR A 99 3.75 4.57 -16.21
N PRO A 100 3.83 5.30 -17.34
CA PRO A 100 2.77 6.21 -17.70
C PRO A 100 1.44 5.54 -18.02
N ASP A 101 1.41 4.24 -18.29
CA ASP A 101 0.13 3.62 -18.70
C ASP A 101 -0.64 2.91 -17.59
N PHE A 102 -0.15 3.01 -16.35
CA PHE A 102 -0.72 2.29 -15.22
C PHE A 102 -2.15 2.71 -14.93
N GLN A 103 -3.05 1.75 -14.78
CA GLN A 103 -4.46 2.06 -14.47
C GLN A 103 -4.85 1.25 -13.27
N PRO A 104 -4.68 1.79 -12.06
CA PRO A 104 -5.05 0.93 -10.91
C PRO A 104 -6.56 0.77 -10.78
N ASP A 105 -7.02 -0.34 -10.20
CA ASP A 105 -8.45 -0.54 -9.91
C ASP A 105 -8.64 -0.96 -8.43
N ALA A 106 -7.63 -0.69 -7.61
CA ALA A 106 -7.58 -1.21 -6.24
C ALA A 106 -6.63 -0.36 -5.47
N CYS A 107 -7.03 0.04 -4.27
CA CYS A 107 -6.07 0.72 -3.41
C CYS A 107 -6.24 0.20 -2.01
N LEU A 108 -5.18 -0.41 -1.48
CA LEU A 108 -5.21 -0.99 -0.13
C LEU A 108 -4.63 0.06 0.79
N ILE A 109 -5.39 0.44 1.82
CA ILE A 109 -5.00 1.46 2.78
C ILE A 109 -4.57 0.78 4.07
N ASN A 110 -3.27 0.89 4.39
CA ASN A 110 -2.71 0.33 5.64
C ASN A 110 -2.49 1.42 6.67
N ARG A 111 -2.81 1.10 7.93
CA ARG A 111 -2.59 2.02 9.02
C ARG A 111 -1.72 1.32 10.07
N TYR A 112 -0.59 1.96 10.36
CA TYR A 112 0.37 1.46 11.34
C TYR A 112 0.28 2.25 12.65
N ALA A 113 -0.06 1.55 13.72
CA ALA A 113 0.14 2.03 15.09
C ALA A 113 1.60 1.69 15.51
N PRO A 114 2.11 2.34 16.57
CA PRO A 114 3.42 1.95 17.09
C PRO A 114 3.51 0.47 17.25
N GLY A 115 4.60 -0.12 16.80
CA GLY A 115 4.78 -1.57 16.93
C GLY A 115 4.31 -2.37 15.73
N ALA A 116 3.41 -1.80 14.92
CA ALA A 116 2.89 -2.51 13.77
C ALA A 116 3.94 -2.69 12.68
N LYS A 117 3.87 -3.80 11.94
CA LYS A 117 4.90 -4.20 11.01
C LYS A 117 4.29 -4.96 9.84
N LEU A 118 5.06 -5.16 8.79
CA LEU A 118 4.66 -6.06 7.76
C LEU A 118 5.87 -6.91 7.41
N CYS A 119 5.81 -8.17 7.76
CA CYS A 119 6.91 -9.08 7.44
C CYS A 119 7.11 -9.19 5.92
N LEU A 120 8.36 -9.49 5.55
CA LEU A 120 8.77 -9.56 4.15
C LEU A 120 7.79 -10.42 3.39
N HIS A 121 7.30 -9.90 2.27
CA HIS A 121 6.31 -10.61 1.46
C HIS A 121 6.46 -10.14 0.03
N GLN A 122 5.83 -10.88 -0.88
CA GLN A 122 5.75 -10.45 -2.28
C GLN A 122 4.30 -10.09 -2.55
N ASP A 123 4.08 -9.15 -3.46
CA ASP A 123 2.73 -8.86 -3.93
C ASP A 123 2.50 -9.72 -5.15
N LYS A 124 1.82 -10.85 -5.00
CA LYS A 124 1.66 -11.66 -6.17
C LYS A 124 0.22 -12.09 -6.45
N ASP A 125 -0.75 -11.39 -5.87
CA ASP A 125 -2.17 -11.75 -6.06
C ASP A 125 -2.75 -11.15 -7.32
N GLU A 126 -1.97 -10.33 -8.02
CA GLU A 126 -2.46 -9.63 -9.20
C GLU A 126 -2.21 -10.49 -10.45
N PRO A 127 -3.27 -10.72 -11.25
CA PRO A 127 -3.09 -11.55 -12.43
C PRO A 127 -2.16 -10.92 -13.49
N ASP A 128 -2.15 -9.60 -13.61
CA ASP A 128 -1.29 -8.97 -14.62
C ASP A 128 -0.06 -8.35 -13.98
N LEU A 129 1.06 -9.06 -14.05
CA LEU A 129 2.29 -8.63 -13.36
C LEU A 129 3.09 -7.61 -14.17
N ARG A 130 2.55 -7.21 -15.32
CA ARG A 130 3.14 -6.12 -16.09
C ARG A 130 2.94 -4.76 -15.43
N ALA A 131 1.87 -4.65 -14.66
CA ALA A 131 1.55 -3.40 -13.98
C ALA A 131 2.37 -3.23 -12.67
N PRO A 132 2.82 -2.00 -12.39
CA PRO A 132 3.63 -1.72 -11.20
C PRO A 132 2.78 -1.65 -9.93
N ILE A 133 3.44 -1.64 -8.77
CA ILE A 133 2.84 -1.20 -7.51
C ILE A 133 3.28 0.24 -7.22
N VAL A 134 2.34 1.09 -6.82
CA VAL A 134 2.68 2.45 -6.39
C VAL A 134 2.32 2.57 -4.91
N SER A 135 3.28 2.97 -4.09
CA SER A 135 3.13 2.90 -2.64
C SER A 135 3.42 4.28 -2.06
N VAL A 136 2.42 4.87 -1.43
CA VAL A 136 2.50 6.24 -0.87
C VAL A 136 2.51 6.25 0.66
N SER A 137 3.49 6.94 1.26
CA SER A 137 3.67 6.91 2.73
C SER A 137 3.16 8.21 3.27
N LEU A 138 2.40 8.15 4.37
CA LEU A 138 1.88 9.37 5.03
C LEU A 138 2.04 9.26 6.54
N GLY A 139 2.35 10.38 7.19
CA GLY A 139 2.47 10.38 8.66
C GLY A 139 3.87 9.94 9.15
N LEU A 140 3.90 9.12 10.19
CA LEU A 140 5.13 8.77 10.89
C LEU A 140 6.09 7.99 9.97
N PRO A 141 7.41 8.17 10.17
CA PRO A 141 8.36 7.46 9.28
C PRO A 141 8.48 5.98 9.61
N ALA A 142 8.86 5.17 8.61
CA ALA A 142 8.99 3.73 8.82
C ALA A 142 10.19 3.27 8.04
N ILE A 143 10.83 2.21 8.50
CA ILE A 143 11.85 1.55 7.70
C ILE A 143 11.34 0.46 6.75
N PHE A 144 11.57 0.68 5.46
CA PHE A 144 11.09 -0.16 4.39
C PHE A 144 12.24 -1.06 3.99
N GLN A 145 11.95 -2.35 3.94
CA GLN A 145 12.88 -3.36 3.46
C GLN A 145 12.55 -3.65 2.00
N PHE A 146 13.59 -3.70 1.16
CA PHE A 146 13.41 -4.02 -0.25
C PHE A 146 14.50 -4.96 -0.67
N GLY A 147 14.10 -6.17 -1.03
CA GLY A 147 15.02 -7.28 -1.29
C GLY A 147 15.12 -7.69 -2.76
N GLY A 148 15.00 -8.98 -3.01
CA GLY A 148 15.11 -9.47 -4.39
C GLY A 148 14.06 -10.53 -4.65
N LEU A 149 14.31 -11.37 -5.65
CA LEU A 149 13.34 -12.41 -6.00
C LEU A 149 13.26 -13.50 -4.96
N LYS A 150 14.28 -13.63 -4.13
CA LYS A 150 14.28 -14.69 -3.12
C LYS A 150 14.29 -14.09 -1.73
N ARG A 151 13.60 -14.76 -0.82
CA ARG A 151 13.44 -14.22 0.52
C ARG A 151 14.78 -13.88 1.18
N ASN A 152 15.83 -14.61 0.86
CA ASN A 152 17.13 -14.39 1.51
C ASN A 152 18.06 -13.47 0.73
N ASP A 153 17.58 -12.88 -0.35
CA ASP A 153 18.36 -11.89 -1.06
C ASP A 153 18.60 -10.71 -0.10
N PRO A 154 19.77 -10.08 -0.17
CA PRO A 154 20.08 -8.99 0.78
C PRO A 154 19.12 -7.81 0.67
N LEU A 155 18.80 -7.21 1.82
CA LEU A 155 17.80 -6.15 1.90
C LEU A 155 18.43 -4.79 1.89
N LYS A 156 17.77 -3.88 1.18
CA LYS A 156 18.06 -2.48 1.33
C LYS A 156 17.09 -2.04 2.39
N ARG A 157 17.51 -1.15 3.27
CA ARG A 157 16.63 -0.60 4.29
C ARG A 157 16.55 0.90 4.07
N LEU A 158 15.35 1.40 3.80
CA LEU A 158 15.18 2.82 3.50
C LEU A 158 14.15 3.41 4.41
N LEU A 159 14.50 4.51 5.06
CA LEU A 159 13.50 5.30 5.76
C LEU A 159 12.50 5.90 4.76
N LEU A 160 11.21 5.66 5.02
CA LEU A 160 10.17 6.27 4.20
C LEU A 160 9.49 7.33 5.06
N GLU A 161 9.53 8.55 4.58
CA GLU A 161 8.94 9.66 5.30
C GLU A 161 7.65 10.14 4.64
N HIS A 162 6.94 10.99 5.37
CA HIS A 162 5.68 11.56 4.92
C HIS A 162 5.77 12.16 3.51
N GLY A 163 4.94 11.64 2.61
CA GLY A 163 4.89 12.14 1.25
C GLY A 163 5.74 11.31 0.28
N ASP A 164 6.60 10.44 0.81
CA ASP A 164 7.46 9.62 -0.05
C ASP A 164 6.60 8.63 -0.83
N VAL A 165 6.97 8.36 -2.08
CA VAL A 165 6.25 7.44 -2.91
C VAL A 165 7.31 6.49 -3.46
N VAL A 166 7.02 5.21 -3.37
CA VAL A 166 7.88 4.20 -3.95
C VAL A 166 7.12 3.46 -5.04
N VAL A 167 7.80 3.10 -6.13
CA VAL A 167 7.14 2.45 -7.22
C VAL A 167 8.04 1.31 -7.62
N TRP A 168 7.48 0.12 -7.77
CA TRP A 168 8.26 -1.00 -8.31
C TRP A 168 7.47 -1.79 -9.35
N GLY A 169 8.21 -2.42 -10.26
CA GLY A 169 7.62 -2.98 -11.45
C GLY A 169 8.69 -3.61 -12.33
N GLY A 170 8.26 -4.24 -13.43
CA GLY A 170 9.21 -4.86 -14.35
C GLY A 170 10.04 -5.91 -13.63
N GLU A 171 11.37 -5.78 -13.76
CA GLU A 171 12.28 -6.76 -13.15
C GLU A 171 12.12 -6.85 -11.63
N SER A 172 11.69 -5.77 -10.97
CA SER A 172 11.55 -5.78 -9.51
C SER A 172 10.12 -6.02 -9.04
N ARG A 173 9.21 -6.36 -9.96
CA ARG A 173 7.81 -6.46 -9.62
C ARG A 173 7.51 -7.44 -8.49
N LEU A 174 8.20 -8.56 -8.47
CA LEU A 174 7.95 -9.64 -7.48
C LEU A 174 8.99 -9.62 -6.34
N PHE A 175 9.74 -8.54 -6.20
CA PHE A 175 10.71 -8.49 -5.09
C PHE A 175 10.06 -8.51 -3.70
N TYR A 176 10.75 -9.13 -2.74
CA TYR A 176 10.28 -9.18 -1.38
C TYR A 176 10.46 -7.80 -0.78
N HIS A 177 9.54 -7.41 0.10
CA HIS A 177 9.59 -6.13 0.75
C HIS A 177 8.79 -6.17 2.05
N GLY A 178 9.03 -5.21 2.91
CA GLY A 178 8.31 -5.19 4.19
C GLY A 178 8.53 -3.91 4.93
N ILE A 179 7.92 -3.84 6.11
CA ILE A 179 8.01 -2.70 6.99
C ILE A 179 8.42 -3.17 8.39
N GLN A 180 9.43 -2.50 8.98
CA GLN A 180 9.89 -2.84 10.34
C GLN A 180 8.94 -2.21 11.34
N PRO A 181 8.81 -2.81 12.55
CA PRO A 181 7.93 -2.33 13.61
C PRO A 181 8.01 -0.79 13.76
N LEU A 182 6.85 -0.15 13.62
CA LEU A 182 6.75 1.32 13.69
C LEU A 182 7.19 1.90 15.01
N LYS A 183 8.09 2.89 14.94
N LYS A 183 8.10 2.88 14.96
CA LYS A 183 8.50 3.62 16.12
CA LYS A 183 8.52 3.60 16.15
C LYS A 183 7.40 4.60 16.53
C LYS A 183 7.45 4.63 16.54
N ALA A 184 7.17 4.75 17.83
CA ALA A 184 6.20 5.76 18.31
C ALA A 184 6.69 7.17 17.95
N GLY A 185 5.77 8.11 17.75
CA GLY A 185 6.18 9.48 17.48
C GLY A 185 4.96 10.34 17.23
N PHE A 186 5.21 11.59 16.84
CA PHE A 186 4.14 12.52 16.59
C PHE A 186 4.27 13.03 15.17
N HIS A 187 3.14 13.09 14.48
CA HIS A 187 3.10 13.78 13.19
C HIS A 187 1.90 14.73 13.17
N PRO A 188 2.11 15.97 12.73
CA PRO A 188 1.03 16.95 12.86
C PRO A 188 -0.26 16.62 12.07
N LEU A 189 -0.15 15.87 10.98
CA LEU A 189 -1.32 15.51 10.18
C LEU A 189 -1.97 14.18 10.56
N THR A 190 -1.19 13.22 11.01
CA THR A 190 -1.77 11.92 11.34
C THR A 190 -1.74 11.64 12.85
N ILE A 191 -1.16 12.58 13.59
CA ILE A 191 -1.00 12.51 15.04
C ILE A 191 -0.09 11.40 15.56
N ASP A 192 -0.50 10.13 15.43
CA ASP A 192 0.26 9.07 16.06
C ASP A 192 0.38 7.84 15.20
N CYS A 193 0.12 7.94 13.91
CA CYS A 193 0.22 6.76 13.06
C CYS A 193 0.85 7.05 11.73
N ARG A 194 1.16 5.97 11.00
CA ARG A 194 1.58 6.03 9.62
C ARG A 194 0.43 5.46 8.80
N TYR A 195 0.16 6.06 7.63
CA TYR A 195 -0.67 5.38 6.62
C TYR A 195 0.14 5.08 5.40
N ASN A 196 -0.26 4.02 4.70
CA ASN A 196 0.31 3.70 3.40
C ASN A 196 -0.80 3.37 2.40
N LEU A 197 -0.72 3.94 1.21
CA LEU A 197 -1.68 3.66 0.17
C LEU A 197 -0.93 2.81 -0.83
N THR A 198 -1.46 1.65 -1.15
CA THR A 198 -0.82 0.80 -2.14
C THR A 198 -1.77 0.55 -3.33
N PHE A 199 -1.41 1.14 -4.47
CA PHE A 199 -2.23 1.06 -5.72
C PHE A 199 -1.83 -0.09 -6.56
N ARG A 200 -2.83 -0.82 -7.04
CA ARG A 200 -2.54 -1.96 -7.86
C ARG A 200 -3.54 -2.07 -8.99
N GLN A 201 -3.14 -2.78 -10.05
CA GLN A 201 -4.11 -3.20 -11.04
C GLN A 201 -4.41 -4.64 -10.64
N ALA A 202 -5.58 -4.88 -10.05
CA ALA A 202 -5.85 -6.17 -9.45
C ALA A 202 -6.69 -7.08 -10.32
N GLY A 203 -7.37 -6.51 -11.30
CA GLY A 203 -8.27 -7.29 -12.13
C GLY A 203 -7.63 -7.46 -13.49
N LYS A 204 -8.40 -7.88 -14.48
N LYS A 204 -8.41 -7.89 -14.45
CA LYS A 204 -7.85 -7.98 -15.83
CA LYS A 204 -7.97 -7.82 -15.82
C LYS A 204 -8.32 -6.84 -16.74
C LYS A 204 -8.98 -6.97 -16.58
P MDK B 7 3.49 -13.96 3.57
N1 MDK B 7 0.94 -9.76 3.22
C2 MDK B 7 0.26 -8.66 2.72
O2 MDK B 7 -0.08 -7.75 3.53
C3 MDK B 7 -0.04 -8.59 1.37
C4 MDK B 7 0.37 -9.61 0.53
N4 MDK B 7 0.12 -9.55 -0.79
C5 MDK B 7 1.06 -10.68 1.04
C6 MDK B 7 1.34 -10.74 2.41
C1' MDK B 7 1.30 -9.78 4.64
O1P MDK B 7 2.31 -14.33 2.69
C2' MDK B 7 0.74 -10.97 5.42
C21 MDK B 7 -0.77 -7.42 0.77
O2P MDK B 7 4.72 -13.49 2.84
C3' MDK B 7 1.81 -11.13 6.50
O3' MDK B 7 1.53 -10.14 7.55
C4' MDK B 7 3.12 -10.77 5.80
O4' MDK B 7 2.72 -9.97 4.65
C5' MDK B 7 3.89 -12.01 5.33
O5' MDK B 7 2.96 -12.82 4.60
P 2YR B 9 2.73 -12.56 14.11
OP1 2YR B 9 1.78 -11.94 15.04
OP2 2YR B 9 3.82 -11.70 13.61
O5' 2YR B 9 3.41 -13.89 14.65
C5' 2YR B 9 2.60 -15.01 15.01
C4' 2YR B 9 3.49 -16.17 15.40
O4' 2YR B 9 4.30 -16.60 14.28
C3' 2YR B 9 4.43 -15.85 16.57
O3' 2YR B 9 4.37 -16.94 17.47
C2' 2YR B 9 5.78 -15.67 15.90
C1' 2YR B 9 5.66 -16.58 14.66
N1 2YR B 9 6.48 -16.02 13.56
C2 2YR B 9 7.49 -16.79 12.98
O2 2YR B 9 7.72 -17.97 13.35
N3 2YR B 9 8.21 -16.20 12.01
C4 2YR B 9 7.99 -14.96 11.57
N4 2YR B 9 8.80 -14.52 10.58
C5 2YR B 9 6.91 -14.17 12.11
C6 2YR B 9 6.21 -14.73 13.11
S 2YR B 9 8.76 -10.41 10.25
C8 2YR B 9 9.30 -12.07 10.85
C9 2YR B 9 8.75 -13.17 9.95
MN MN D . 3.39 -5.44 -0.35
C1 AKG E . 1.54 -3.91 1.08
O1 AKG E . 0.51 -3.45 1.62
O2 AKG E . 1.51 -4.91 0.30
C2 AKG E . 2.83 -3.27 1.35
O5 AKG E . 3.89 -3.75 0.94
C3 AKG E . 2.82 -1.98 2.11
C4 AKG E . 4.21 -1.35 2.12
C5 AKG E . 4.20 -0.13 3.01
O3 AKG E . 3.34 -0.03 3.92
O4 AKG E . 5.04 0.77 2.78
C1 GOL F . -4.72 10.45 11.39
O1 GOL F . -5.07 9.77 12.58
C2 GOL F . -5.91 11.01 10.62
O2 GOL F . -6.78 9.99 10.19
C3 GOL F . -6.65 12.12 11.35
O3 GOL F . -7.31 12.91 10.39
#